data_8VSN
#
_entry.id   8VSN
#
_cell.length_a   62.576
_cell.length_b   150.225
_cell.length_c   76.816
_cell.angle_alpha   90.00
_cell.angle_beta   90.00
_cell.angle_gamma   90.00
#
_symmetry.space_group_name_H-M   'C 2 2 2'
#
loop_
_entity.id
_entity.type
_entity.pdbx_description
1 polymer '14-3-3 protein sigma'
2 polymer 'Serine/threonine-protein kinase A-Raf phosphopeptide'
3 non-polymer 'CHLORIDE ION'
4 non-polymer 'MAGNESIUM ION'
5 non-polymer 2-chloranyl-1-[8-(4-iodophenyl)sulfonyl-5-oxa-2,8-diazaspiro[3.5]nonan-2-yl]ethanone
6 water water
#
loop_
_entity_poly.entity_id
_entity_poly.type
_entity_poly.pdbx_seq_one_letter_code
_entity_poly.pdbx_strand_id
1 'polypeptide(L)'
;GAMGSMERASLIQKAKLAEQAERYEDMAAFMKGAVEKGEELSCEERNLLSVAYKNVVGGQRAAWRVLSSIEQKSNEEGSE
EKGPEVREYREKVETELQGVCDTVLGLLDSHLIKEAGDAESRVFYLKMKGDYYRYLAEVATGDDKKRIIDSARSAYQEAM
DISKKEMPPTNPIRLGLALNFSVFHYEIANSPEEAISLAKTTFDEAMADLHTLSEDSYKDSTLIMQLLRDNLTLWT
;
A
2 'polypeptide(L)' RIRST(SEP)TPNVHM P
#
loop_
_chem_comp.id
_chem_comp.type
_chem_comp.name
_chem_comp.formula
CL non-polymer 'CHLORIDE ION' 'Cl -1'
MG non-polymer 'MAGNESIUM ION' 'Mg 2'
WQT non-polymer 2-chloranyl-1-[8-(4-iodophenyl)sulfonyl-5-oxa-2,8-diazaspiro[3.5]nonan-2-yl]ethanone 'C14 H16 Cl I N2 O4 S'
#
# COMPACT_ATOMS: atom_id res chain seq x y z
N GLY A 1 -17.12 -6.21 -17.21
CA GLY A 1 -16.05 -5.23 -17.52
C GLY A 1 -15.30 -5.62 -18.77
N ALA A 2 -14.35 -4.79 -19.19
CA ALA A 2 -13.61 -4.93 -20.47
C ALA A 2 -12.83 -6.25 -20.53
N MET A 3 -12.52 -6.87 -19.38
CA MET A 3 -11.73 -8.14 -19.34
C MET A 3 -12.62 -9.37 -19.18
N GLY A 4 -13.94 -9.18 -19.16
CA GLY A 4 -14.95 -10.23 -18.92
C GLY A 4 -14.84 -11.40 -19.87
N SER A 5 -14.47 -11.18 -21.14
CA SER A 5 -14.39 -12.27 -22.15
C SER A 5 -13.03 -13.01 -22.11
N MET A 6 -12.05 -12.51 -21.37
CA MET A 6 -10.70 -13.13 -21.41
C MET A 6 -10.54 -14.16 -20.29
N GLU A 7 -9.93 -15.28 -20.60
CA GLU A 7 -9.63 -16.33 -19.61
C GLU A 7 -8.70 -15.79 -18.52
N ARG A 8 -8.97 -16.21 -17.28
CA ARG A 8 -8.14 -15.86 -16.11
C ARG A 8 -6.64 -16.07 -16.43
N ALA A 9 -6.25 -17.22 -16.93
CA ALA A 9 -4.82 -17.54 -17.15
C ALA A 9 -4.20 -16.56 -18.16
N SER A 10 -4.95 -16.13 -19.18
CA SER A 10 -4.47 -15.18 -20.20
C SER A 10 -4.34 -13.80 -19.54
N LEU A 11 -5.26 -13.42 -18.65
CA LEU A 11 -5.15 -12.13 -17.94
C LEU A 11 -3.86 -12.14 -17.08
N ILE A 12 -3.57 -13.24 -16.37
CA ILE A 12 -2.31 -13.34 -15.56
C ILE A 12 -1.11 -13.18 -16.47
N GLN A 13 -1.08 -13.92 -17.58
CA GLN A 13 -0.01 -13.91 -18.61
C GLN A 13 0.21 -12.48 -19.11
N LYS A 14 -0.87 -11.75 -19.39
CA LYS A 14 -0.75 -10.40 -19.99
C LYS A 14 -0.30 -9.42 -18.91
N ALA A 15 -0.70 -9.65 -17.66
CA ALA A 15 -0.23 -8.82 -16.52
C ALA A 15 1.30 -8.91 -16.44
N LYS A 16 1.83 -10.11 -16.62
CA LYS A 16 3.31 -10.31 -16.56
C LYS A 16 3.98 -9.65 -17.76
N LEU A 17 3.41 -9.73 -18.96
CA LEU A 17 3.93 -9.03 -20.16
C LEU A 17 3.89 -7.53 -19.93
N ALA A 18 2.78 -7.01 -19.41
CA ALA A 18 2.65 -5.56 -19.15
C ALA A 18 3.74 -5.12 -18.15
N GLU A 19 4.01 -5.91 -17.12
CA GLU A 19 5.08 -5.58 -16.14
C GLU A 19 6.41 -5.45 -16.90
N GLN A 20 6.72 -6.41 -17.76
CA GLN A 20 7.97 -6.42 -18.57
C GLN A 20 8.05 -5.17 -19.45
N ALA A 21 6.93 -4.71 -19.98
CA ALA A 21 6.86 -3.55 -20.89
C ALA A 21 6.71 -2.22 -20.12
N GLU A 22 6.66 -2.27 -18.79
CA GLU A 22 6.45 -1.09 -17.91
C GLU A 22 5.15 -0.39 -18.30
N ARG A 23 4.13 -1.17 -18.62
CA ARG A 23 2.77 -0.65 -18.92
C ARG A 23 1.87 -0.91 -17.71
N TYR A 24 1.98 -0.10 -16.66
CA TYR A 24 1.44 -0.49 -15.34
C TYR A 24 -0.08 -0.28 -15.28
N GLU A 25 -0.59 0.70 -16.03
CA GLU A 25 -2.07 0.88 -16.16
C GLU A 25 -2.70 -0.38 -16.79
N ASP A 26 -2.13 -0.89 -17.88
CA ASP A 26 -2.57 -2.15 -18.50
C ASP A 26 -2.44 -3.27 -17.48
N MET A 27 -1.32 -3.30 -16.75
CA MET A 27 -1.08 -4.41 -15.80
C MET A 27 -2.16 -4.41 -14.73
N ALA A 28 -2.55 -3.23 -14.23
CA ALA A 28 -3.58 -3.10 -13.20
C ALA A 28 -4.92 -3.59 -13.76
N ALA A 29 -5.23 -3.22 -15.00
CA ALA A 29 -6.50 -3.55 -15.68
C ALA A 29 -6.61 -5.06 -15.83
N PHE A 30 -5.55 -5.71 -16.29
CA PHE A 30 -5.42 -7.18 -16.40
C PHE A 30 -5.63 -7.85 -15.03
N MET A 31 -5.04 -7.29 -13.96
CA MET A 31 -5.16 -7.95 -12.64
C MET A 31 -6.56 -7.71 -12.07
N LYS A 32 -7.16 -6.54 -12.29
CA LYS A 32 -8.56 -6.27 -11.87
C LYS A 32 -9.45 -7.32 -12.57
N GLY A 33 -9.16 -7.61 -13.83
CA GLY A 33 -9.89 -8.62 -14.63
C GLY A 33 -9.77 -9.99 -14.00
N ALA A 34 -8.55 -10.35 -13.59
CA ALA A 34 -8.27 -11.64 -12.98
C ALA A 34 -9.00 -11.72 -11.64
N VAL A 35 -8.97 -10.65 -10.84
CA VAL A 35 -9.60 -10.68 -9.50
C VAL A 35 -11.11 -10.92 -9.71
N GLU A 36 -11.68 -10.28 -10.73
CA GLU A 36 -13.15 -10.28 -11.00
C GLU A 36 -13.61 -11.69 -11.42
N LYS A 37 -12.71 -12.60 -11.75
CA LYS A 37 -13.07 -14.02 -11.99
C LYS A 37 -13.59 -14.67 -10.71
N GLY A 38 -13.25 -14.13 -9.54
CA GLY A 38 -13.77 -14.54 -8.24
C GLY A 38 -13.03 -15.76 -7.70
N GLU A 39 -11.89 -16.14 -8.25
CA GLU A 39 -10.99 -17.13 -7.60
C GLU A 39 -9.98 -16.40 -6.69
N GLU A 40 -9.39 -17.12 -5.74
CA GLU A 40 -8.36 -16.57 -4.84
C GLU A 40 -7.11 -16.25 -5.65
N LEU A 41 -6.30 -15.31 -5.18
CA LEU A 41 -4.98 -15.03 -5.78
C LEU A 41 -3.92 -15.79 -5.00
N SER A 42 -2.93 -16.33 -5.68
CA SER A 42 -1.68 -16.84 -5.07
C SER A 42 -0.77 -15.69 -4.60
N CYS A 43 0.31 -16.02 -3.90
CA CYS A 43 1.37 -15.06 -3.50
C CYS A 43 1.88 -14.30 -4.74
N GLU A 44 2.23 -15.02 -5.80
CA GLU A 44 2.76 -14.46 -7.09
C GLU A 44 1.73 -13.51 -7.71
N GLU A 45 0.45 -13.82 -7.65
CA GLU A 45 -0.60 -12.96 -8.26
C GLU A 45 -0.82 -11.72 -7.39
N ARG A 46 -0.78 -11.86 -6.06
CA ARG A 46 -0.89 -10.68 -5.18
C ARG A 46 0.24 -9.70 -5.49
N ASN A 47 1.42 -10.22 -5.82
CA ASN A 47 2.60 -9.37 -6.17
C ASN A 47 2.30 -8.55 -7.43
N LEU A 48 1.70 -9.19 -8.44
CA LEU A 48 1.32 -8.52 -9.71
C LEU A 48 0.29 -7.44 -9.42
N LEU A 49 -0.75 -7.77 -8.65
CA LEU A 49 -1.80 -6.77 -8.30
C LEU A 49 -1.15 -5.58 -7.59
N SER A 50 -0.33 -5.85 -6.56
CA SER A 50 0.35 -4.84 -5.69
C SER A 50 1.24 -3.93 -6.55
N VAL A 51 2.12 -4.53 -7.34
CA VAL A 51 3.08 -3.75 -8.18
C VAL A 51 2.32 -2.83 -9.14
N ALA A 52 1.32 -3.36 -9.83
CA ALA A 52 0.61 -2.60 -10.87
C ALA A 52 -0.04 -1.39 -10.25
N TYR A 53 -0.87 -1.61 -9.22
CA TYR A 53 -1.63 -0.48 -8.61
C TYR A 53 -0.66 0.48 -7.91
N LYS A 54 0.37 -0.03 -7.25
CA LYS A 54 1.30 0.89 -6.53
C LYS A 54 2.00 1.83 -7.54
N ASN A 55 2.38 1.33 -8.70
CA ASN A 55 2.99 2.15 -9.77
C ASN A 55 2.00 3.19 -10.26
N VAL A 56 0.76 2.80 -10.52
CA VAL A 56 -0.22 3.78 -11.01
C VAL A 56 -0.40 4.87 -9.96
N VAL A 57 -0.72 4.49 -8.73
CA VAL A 57 -1.07 5.50 -7.69
C VAL A 57 0.21 6.28 -7.34
N GLY A 58 1.37 5.64 -7.41
CA GLY A 58 2.69 6.28 -7.19
C GLY A 58 2.89 7.50 -8.06
N GLY A 59 2.69 7.36 -9.38
CA GLY A 59 2.84 8.47 -10.33
C GLY A 59 1.83 9.55 -10.01
N GLN A 60 0.63 9.15 -9.60
CA GLN A 60 -0.44 10.15 -9.28
C GLN A 60 -0.06 10.93 -8.02
N ARG A 61 0.43 10.22 -6.99
CA ARG A 61 0.87 10.88 -5.72
C ARG A 61 2.01 11.84 -6.03
N ALA A 62 3.00 11.43 -6.82
CA ALA A 62 4.15 12.31 -7.14
C ALA A 62 3.65 13.58 -7.88
N ALA A 63 2.76 13.40 -8.85
CA ALA A 63 2.15 14.49 -9.64
C ALA A 63 1.47 15.44 -8.67
N TRP A 64 0.63 14.88 -7.79
CA TRP A 64 -0.23 15.67 -6.87
C TRP A 64 0.68 16.49 -5.96
N ARG A 65 1.80 15.91 -5.51
CA ARG A 65 2.72 16.59 -4.56
C ARG A 65 3.35 17.78 -5.30
N VAL A 66 3.74 17.60 -6.56
CA VAL A 66 4.37 18.68 -7.36
C VAL A 66 3.36 19.81 -7.45
N LEU A 67 2.13 19.47 -7.83
CA LEU A 67 1.09 20.47 -8.13
C LEU A 67 0.70 21.17 -6.82
N SER A 68 0.54 20.41 -5.74
CA SER A 68 0.14 20.94 -4.41
C SER A 68 1.18 21.96 -3.93
N SER A 69 2.45 21.66 -4.13
CA SER A 69 3.55 22.56 -3.69
C SER A 69 3.52 23.86 -4.52
N ILE A 70 3.30 23.77 -5.83
CA ILE A 70 3.19 24.99 -6.70
C ILE A 70 2.01 25.80 -6.19
N GLU A 71 0.92 25.13 -5.83
CA GLU A 71 -0.35 25.78 -5.40
C GLU A 71 -0.11 26.52 -4.07
N GLN A 72 0.53 25.87 -3.11
CA GLN A 72 0.76 26.46 -1.77
C GLN A 72 1.72 27.65 -1.93
N LYS A 73 2.78 27.52 -2.73
CA LYS A 73 3.75 28.63 -2.99
C LYS A 73 2.99 29.78 -3.67
N SER A 74 2.03 29.47 -4.54
CA SER A 74 1.20 30.49 -5.25
C SER A 74 0.23 31.14 -4.26
N ASN A 75 -0.15 30.42 -3.20
CA ASN A 75 -1.00 31.00 -2.11
C ASN A 75 -0.14 31.80 -1.11
N GLU A 76 1.02 32.32 -1.53
CA GLU A 76 1.92 33.14 -0.66
C GLU A 76 1.83 34.63 -1.02
N LYS A 82 -3.33 34.51 -8.99
CA LYS A 82 -2.52 34.20 -10.20
C LYS A 82 -3.31 33.25 -11.14
N GLY A 83 -4.64 33.17 -10.98
CA GLY A 83 -5.55 32.35 -11.81
C GLY A 83 -5.93 31.03 -11.14
N PRO A 84 -7.03 30.39 -11.58
CA PRO A 84 -7.45 29.12 -10.99
C PRO A 84 -6.74 27.88 -11.57
N GLU A 85 -5.83 28.05 -12.53
CA GLU A 85 -5.29 26.93 -13.36
C GLU A 85 -4.61 25.89 -12.46
N VAL A 86 -3.75 26.31 -11.53
CA VAL A 86 -2.99 25.36 -10.67
C VAL A 86 -3.98 24.56 -9.83
N ARG A 87 -4.94 25.24 -9.16
CA ARG A 87 -5.95 24.55 -8.32
C ARG A 87 -6.73 23.58 -9.22
N GLU A 88 -7.18 24.05 -10.37
CA GLU A 88 -8.03 23.21 -11.28
C GLU A 88 -7.26 21.95 -11.64
N TYR A 89 -6.01 22.08 -12.01
CA TYR A 89 -5.24 20.91 -12.53
C TYR A 89 -4.91 19.99 -11.36
N ARG A 90 -4.58 20.54 -10.18
CA ARG A 90 -4.35 19.73 -8.95
C ARG A 90 -5.60 18.93 -8.60
N GLU A 91 -6.78 19.54 -8.70
CA GLU A 91 -8.10 18.88 -8.47
C GLU A 91 -8.31 17.75 -9.47
N LYS A 92 -7.93 17.97 -10.73
CA LYS A 92 -8.08 16.94 -11.78
C LYS A 92 -7.23 15.71 -11.42
N VAL A 93 -5.98 15.94 -11.02
CA VAL A 93 -5.08 14.80 -10.70
C VAL A 93 -5.62 14.14 -9.40
N GLU A 94 -6.10 14.94 -8.46
CA GLU A 94 -6.67 14.45 -7.17
C GLU A 94 -7.85 13.52 -7.44
N THR A 95 -8.73 13.93 -8.33
CA THR A 95 -9.93 13.13 -8.67
C THR A 95 -9.51 11.78 -9.26
N GLU A 96 -8.52 11.76 -10.14
CA GLU A 96 -8.09 10.48 -10.77
C GLU A 96 -7.49 9.58 -9.69
N LEU A 97 -6.69 10.15 -8.79
CA LEU A 97 -5.99 9.41 -7.70
C LEU A 97 -7.06 8.77 -6.81
N GLN A 98 -8.09 9.54 -6.48
CA GLN A 98 -9.20 9.05 -5.61
C GLN A 98 -9.91 7.92 -6.35
N GLY A 99 -10.10 8.06 -7.67
CA GLY A 99 -10.70 7.03 -8.55
C GLY A 99 -9.97 5.71 -8.45
N VAL A 100 -8.65 5.78 -8.47
CA VAL A 100 -7.81 4.54 -8.47
C VAL A 100 -7.86 3.91 -7.07
N CYS A 101 -7.77 4.71 -6.01
CA CYS A 101 -7.89 4.22 -4.62
C CYS A 101 -9.29 3.62 -4.39
N ASP A 102 -10.33 4.22 -4.96
CA ASP A 102 -11.72 3.68 -4.86
C ASP A 102 -11.78 2.32 -5.56
N THR A 103 -11.17 2.21 -6.74
CA THR A 103 -11.15 0.94 -7.50
C THR A 103 -10.51 -0.14 -6.64
N VAL A 104 -9.37 0.18 -6.00
CA VAL A 104 -8.60 -0.84 -5.24
C VAL A 104 -9.44 -1.24 -4.02
N LEU A 105 -9.99 -0.27 -3.31
CA LEU A 105 -10.75 -0.55 -2.06
C LEU A 105 -12.01 -1.36 -2.40
N GLY A 106 -12.58 -1.11 -3.58
CA GLY A 106 -13.73 -1.86 -4.12
C GLY A 106 -13.37 -3.31 -4.32
N LEU A 107 -12.21 -3.58 -4.93
CA LEU A 107 -11.78 -4.97 -5.23
C LEU A 107 -11.55 -5.70 -3.92
N LEU A 108 -10.90 -5.03 -2.99
CA LEU A 108 -10.56 -5.63 -1.67
C LEU A 108 -11.86 -6.03 -0.97
N ASP A 109 -12.83 -5.13 -0.92
CA ASP A 109 -14.12 -5.34 -0.20
C ASP A 109 -15.02 -6.30 -0.97
N SER A 110 -15.11 -6.19 -2.30
CA SER A 110 -16.00 -7.05 -3.13
C SER A 110 -15.42 -8.46 -3.33
N HIS A 111 -14.10 -8.64 -3.31
CA HIS A 111 -13.56 -9.93 -3.81
C HIS A 111 -12.48 -10.54 -2.91
N LEU A 112 -11.54 -9.75 -2.39
CA LEU A 112 -10.26 -10.32 -1.87
C LEU A 112 -10.32 -10.52 -0.36
N ILE A 113 -10.85 -9.57 0.41
CA ILE A 113 -10.86 -9.64 1.90
C ILE A 113 -11.92 -10.68 2.33
N LYS A 114 -11.49 -11.75 2.97
CA LYS A 114 -12.37 -12.86 3.44
C LYS A 114 -12.01 -13.24 4.88
N GLU A 115 -12.98 -13.77 5.64
CA GLU A 115 -12.82 -14.35 7.01
C GLU A 115 -11.88 -15.56 6.93
N ALA A 116 -12.06 -16.37 5.89
CA ALA A 116 -11.23 -17.55 5.57
C ALA A 116 -9.92 -17.09 4.90
N GLY A 117 -9.13 -18.06 4.44
CA GLY A 117 -7.85 -17.86 3.73
C GLY A 117 -6.67 -18.01 4.67
N ASP A 118 -5.45 -18.13 4.15
CA ASP A 118 -4.25 -18.19 5.00
C ASP A 118 -3.96 -16.80 5.61
N ALA A 119 -3.10 -16.76 6.61
CA ALA A 119 -2.69 -15.53 7.32
C ALA A 119 -2.05 -14.57 6.32
N GLU A 120 -1.15 -15.05 5.48
CA GLU A 120 -0.45 -14.19 4.49
C GLU A 120 -1.47 -13.40 3.71
N SER A 121 -2.46 -14.07 3.12
CA SER A 121 -3.47 -13.40 2.26
C SER A 121 -4.26 -12.41 3.11
N ARG A 122 -4.70 -12.84 4.30
CA ARG A 122 -5.58 -11.97 5.12
C ARG A 122 -4.82 -10.69 5.54
N VAL A 123 -3.55 -10.85 5.92
CA VAL A 123 -2.73 -9.72 6.41
C VAL A 123 -2.45 -8.82 5.20
N PHE A 124 -2.12 -9.44 4.06
CA PHE A 124 -1.70 -8.66 2.87
C PHE A 124 -2.85 -7.75 2.46
N TYR A 125 -4.07 -8.31 2.35
CA TYR A 125 -5.23 -7.54 1.88
C TYR A 125 -5.57 -6.44 2.87
N LEU A 126 -5.46 -6.70 4.17
CA LEU A 126 -5.83 -5.68 5.16
C LEU A 126 -4.78 -4.57 5.16
N LYS A 127 -3.50 -4.92 5.02
CA LYS A 127 -2.38 -3.97 4.82
C LYS A 127 -2.71 -3.10 3.61
N MET A 128 -3.13 -3.72 2.50
CA MET A 128 -3.45 -3.00 1.24
C MET A 128 -4.62 -2.05 1.48
N LYS A 129 -5.61 -2.47 2.28
CA LYS A 129 -6.75 -1.59 2.60
C LYS A 129 -6.25 -0.37 3.37
N GLY A 130 -5.41 -0.58 4.38
CA GLY A 130 -4.79 0.54 5.11
C GLY A 130 -4.04 1.49 4.17
N ASP A 131 -3.21 0.96 3.29
CA ASP A 131 -2.38 1.80 2.37
C ASP A 131 -3.29 2.69 1.50
N TYR A 132 -4.34 2.15 0.89
CA TYR A 132 -5.16 2.92 -0.09
C TYR A 132 -6.08 3.90 0.65
N TYR A 133 -6.40 3.64 1.92
CA TYR A 133 -7.12 4.62 2.76
C TYR A 133 -6.13 5.73 3.11
N ARG A 134 -4.88 5.37 3.38
CA ARG A 134 -3.79 6.32 3.69
C ARG A 134 -3.57 7.24 2.48
N TYR A 135 -3.61 6.71 1.25
CA TYR A 135 -3.37 7.54 0.02
C TYR A 135 -4.53 8.53 -0.12
N LEU A 136 -5.77 8.11 0.16
CA LEU A 136 -6.93 9.02 0.15
C LEU A 136 -6.75 10.10 1.23
N ALA A 137 -6.25 9.71 2.39
CA ALA A 137 -6.02 10.63 3.54
C ALA A 137 -4.99 11.71 3.18
N GLU A 138 -3.90 11.39 2.46
CA GLU A 138 -2.90 12.40 1.98
C GLU A 138 -3.59 13.55 1.22
N VAL A 139 -4.73 13.35 0.56
CA VAL A 139 -5.35 14.43 -0.27
C VAL A 139 -6.70 14.84 0.32
N ALA A 140 -7.15 14.26 1.43
CA ALA A 140 -8.51 14.50 1.99
C ALA A 140 -8.57 15.78 2.84
N THR A 141 -9.78 16.31 3.03
CA THR A 141 -10.11 17.40 4.00
C THR A 141 -11.55 17.24 4.50
N GLY A 142 -11.79 17.53 5.79
CA GLY A 142 -13.14 17.71 6.39
C GLY A 142 -13.81 16.41 6.81
N ASP A 143 -15.12 16.34 6.65
CA ASP A 143 -15.97 15.21 7.15
C ASP A 143 -15.56 13.91 6.44
N ASP A 144 -15.15 14.01 5.17
CA ASP A 144 -14.68 12.84 4.39
C ASP A 144 -13.39 12.33 5.05
N LYS A 145 -12.59 13.23 5.63
CA LYS A 145 -11.19 12.93 6.02
C LYS A 145 -11.16 12.07 7.29
N LYS A 146 -11.80 12.49 8.37
CA LYS A 146 -11.68 11.73 9.64
C LYS A 146 -12.26 10.33 9.39
N ARG A 147 -13.33 10.20 8.60
CA ARG A 147 -13.87 8.87 8.19
C ARG A 147 -12.72 8.05 7.57
N ILE A 148 -11.93 8.68 6.70
CA ILE A 148 -10.82 8.01 5.94
C ILE A 148 -9.71 7.58 6.91
N ILE A 149 -9.28 8.44 7.82
CA ILE A 149 -8.15 8.15 8.75
C ILE A 149 -8.54 6.98 9.69
N ASP A 150 -9.77 6.93 10.18
CA ASP A 150 -10.26 5.84 11.06
C ASP A 150 -10.20 4.53 10.27
N SER A 151 -10.75 4.52 9.05
CA SER A 151 -10.81 3.32 8.18
C SER A 151 -9.40 2.78 7.96
N ALA A 152 -8.41 3.65 7.81
CA ALA A 152 -7.01 3.24 7.60
C ALA A 152 -6.46 2.59 8.87
N ARG A 153 -6.59 3.27 10.01
CA ARG A 153 -6.06 2.75 11.31
C ARG A 153 -6.68 1.38 11.63
N SER A 154 -7.99 1.29 11.46
CA SER A 154 -8.77 0.08 11.78
C SER A 154 -8.24 -1.09 10.93
N ALA A 155 -8.08 -0.88 9.62
CA ALA A 155 -7.60 -1.92 8.70
C ALA A 155 -6.18 -2.33 9.11
N TYR A 156 -5.33 -1.35 9.40
CA TYR A 156 -3.93 -1.63 9.83
C TYR A 156 -3.92 -2.45 11.13
N GLN A 157 -4.76 -2.08 12.11
CA GLN A 157 -4.72 -2.71 13.46
CA GLN A 157 -4.71 -2.71 13.46
C GLN A 157 -5.17 -4.17 13.33
N GLU A 158 -6.22 -4.39 12.58
CA GLU A 158 -6.72 -5.75 12.38
C GLU A 158 -5.60 -6.57 11.74
N ALA A 159 -4.91 -5.99 10.75
CA ALA A 159 -3.79 -6.66 10.07
C ALA A 159 -2.71 -6.99 11.09
N MET A 160 -2.38 -6.02 11.96
CA MET A 160 -1.30 -6.15 12.97
C MET A 160 -1.67 -7.27 13.96
N ASP A 161 -2.94 -7.31 14.39
CA ASP A 161 -3.46 -8.35 15.32
C ASP A 161 -3.18 -9.74 14.74
N ILE A 162 -3.62 -10.00 13.49
CA ILE A 162 -3.41 -11.29 12.79
C ILE A 162 -1.91 -11.61 12.65
N SER A 163 -1.08 -10.61 12.27
CA SER A 163 0.35 -10.84 11.93
C SER A 163 1.12 -11.30 13.17
N LYS A 164 0.89 -10.65 14.32
CA LYS A 164 1.64 -10.93 15.58
C LYS A 164 1.26 -12.31 16.12
N LYS A 165 0.03 -12.74 15.85
CA LYS A 165 -0.50 -14.06 16.29
C LYS A 165 -0.04 -15.16 15.33
N GLU A 166 -0.01 -14.92 14.01
CA GLU A 166 0.13 -16.03 13.02
C GLU A 166 1.46 -15.97 12.25
N MET A 167 2.29 -14.93 12.36
CA MET A 167 3.51 -14.87 11.53
C MET A 167 4.74 -14.68 12.40
N PRO A 168 5.89 -15.21 11.99
CA PRO A 168 7.15 -14.89 12.63
C PRO A 168 7.46 -13.40 12.47
N PRO A 169 8.27 -12.84 13.38
CA PRO A 169 8.52 -11.41 13.40
C PRO A 169 9.43 -10.92 12.26
N THR A 170 10.11 -11.82 11.53
CA THR A 170 10.87 -11.48 10.30
C THR A 170 9.99 -11.59 9.03
N ASN A 171 8.72 -11.95 9.12
CA ASN A 171 7.90 -12.23 7.90
C ASN A 171 7.77 -10.93 7.11
N PRO A 172 8.08 -10.93 5.80
CA PRO A 172 8.13 -9.67 5.03
C PRO A 172 6.79 -8.94 4.94
N ILE A 173 5.65 -9.66 4.91
CA ILE A 173 4.32 -9.00 4.96
C ILE A 173 4.19 -8.35 6.34
N ARG A 174 4.54 -9.06 7.41
CA ARG A 174 4.42 -8.49 8.78
C ARG A 174 5.28 -7.21 8.88
N LEU A 175 6.52 -7.29 8.41
CA LEU A 175 7.48 -6.17 8.48
C LEU A 175 6.96 -5.02 7.62
N GLY A 176 6.57 -5.31 6.38
CA GLY A 176 6.04 -4.23 5.51
C GLY A 176 4.80 -3.58 6.08
N LEU A 177 3.86 -4.34 6.62
CA LEU A 177 2.67 -3.79 7.29
C LEU A 177 3.09 -2.85 8.43
N ALA A 178 3.98 -3.29 9.29
CA ALA A 178 4.47 -2.50 10.47
C ALA A 178 5.15 -1.22 9.99
N LEU A 179 6.06 -1.32 9.01
CA LEU A 179 6.66 -0.12 8.33
C LEU A 179 5.54 0.83 7.92
N ASN A 180 4.53 0.33 7.22
CA ASN A 180 3.49 1.22 6.64
C ASN A 180 2.59 1.79 7.75
N PHE A 181 2.27 1.03 8.81
CA PHE A 181 1.47 1.56 9.94
C PHE A 181 2.26 2.68 10.63
N SER A 182 3.55 2.47 10.78
CA SER A 182 4.45 3.46 11.42
C SER A 182 4.40 4.76 10.60
N VAL A 183 4.36 4.67 9.27
CA VAL A 183 4.29 5.85 8.38
C VAL A 183 2.93 6.53 8.55
N PHE A 184 1.83 5.77 8.61
CA PHE A 184 0.47 6.29 8.94
C PHE A 184 0.58 7.16 10.19
N HIS A 185 1.21 6.64 11.24
CA HIS A 185 1.28 7.31 12.57
C HIS A 185 2.01 8.65 12.41
N TYR A 186 3.16 8.63 11.75
CA TYR A 186 4.05 9.80 11.63
C TYR A 186 3.46 10.82 10.66
N GLU A 187 3.11 10.39 9.44
CA GLU A 187 2.79 11.30 8.31
C GLU A 187 1.31 11.67 8.32
N ILE A 188 0.42 10.80 8.78
CA ILE A 188 -1.04 11.03 8.65
C ILE A 188 -1.63 11.39 10.00
N ALA A 189 -1.29 10.66 11.05
CA ALA A 189 -2.03 10.70 12.33
C ALA A 189 -1.36 11.68 13.30
N ASN A 190 -0.29 12.35 12.88
CA ASN A 190 0.42 13.33 13.74
C ASN A 190 0.73 12.67 15.10
N SER A 191 1.24 11.43 15.11
CA SER A 191 1.55 10.66 16.35
C SER A 191 2.97 10.12 16.29
N PRO A 192 3.99 10.99 16.26
CA PRO A 192 5.37 10.55 16.09
C PRO A 192 5.79 9.51 17.14
N GLU A 193 5.22 9.59 18.34
CA GLU A 193 5.57 8.69 19.47
C GLU A 193 5.16 7.26 19.09
N GLU A 194 3.90 7.10 18.69
CA GLU A 194 3.33 5.79 18.25
C GLU A 194 4.21 5.24 17.13
N ALA A 195 4.64 6.10 16.20
CA ALA A 195 5.43 5.70 15.01
C ALA A 195 6.76 5.14 15.49
N ILE A 196 7.49 5.91 16.27
CA ILE A 196 8.85 5.52 16.72
C ILE A 196 8.75 4.22 17.51
N SER A 197 7.74 4.10 18.36
CA SER A 197 7.56 2.92 19.25
C SER A 197 7.35 1.67 18.36
N LEU A 198 6.37 1.75 17.46
CA LEU A 198 6.07 0.63 16.52
C LEU A 198 7.33 0.27 15.73
N ALA A 199 8.02 1.25 15.13
CA ALA A 199 9.17 0.95 14.26
C ALA A 199 10.26 0.25 15.07
N LYS A 200 10.57 0.78 16.25
CA LYS A 200 11.66 0.25 17.10
C LYS A 200 11.31 -1.19 17.57
N THR A 201 10.10 -1.39 18.10
CA THR A 201 9.60 -2.74 18.51
C THR A 201 9.75 -3.70 17.32
N THR A 202 9.36 -3.24 16.13
CA THR A 202 9.33 -4.13 14.93
C THR A 202 10.75 -4.53 14.58
N PHE A 203 11.66 -3.55 14.51
CA PHE A 203 13.08 -3.84 14.20
C PHE A 203 13.64 -4.82 15.26
N ASP A 204 13.49 -4.45 16.54
CA ASP A 204 14.16 -5.18 17.66
C ASP A 204 13.66 -6.63 17.69
N GLU A 205 12.36 -6.84 17.56
CA GLU A 205 11.76 -8.21 17.59
C GLU A 205 12.23 -9.02 16.39
N ALA A 206 12.42 -8.39 15.21
CA ALA A 206 12.92 -9.12 14.03
C ALA A 206 14.32 -9.57 14.34
N MET A 207 15.14 -8.65 14.86
CA MET A 207 16.58 -8.95 15.07
C MET A 207 16.70 -10.05 16.17
N ALA A 208 15.85 -9.99 17.18
CA ALA A 208 15.80 -10.95 18.32
C ALA A 208 15.51 -12.38 17.79
N ASP A 209 14.67 -12.48 16.75
CA ASP A 209 14.23 -13.76 16.15
C ASP A 209 14.68 -13.80 14.68
N LEU A 210 15.92 -13.38 14.43
CA LEU A 210 16.56 -13.35 13.09
C LEU A 210 16.61 -14.75 12.49
N HIS A 211 16.76 -15.78 13.34
CA HIS A 211 16.76 -17.21 12.92
C HIS A 211 15.47 -17.54 12.14
N THR A 212 14.39 -16.77 12.25
CA THR A 212 13.10 -17.04 11.58
C THR A 212 13.08 -16.59 10.11
N LEU A 213 14.17 -15.99 9.60
CA LEU A 213 14.22 -15.57 8.16
C LEU A 213 13.93 -16.79 7.27
N SER A 214 13.12 -16.62 6.23
CA SER A 214 12.83 -17.71 5.25
C SER A 214 13.81 -17.65 4.09
N GLU A 215 14.30 -18.82 3.66
CA GLU A 215 15.15 -19.03 2.47
C GLU A 215 14.60 -18.33 1.22
N ASP A 216 13.29 -18.18 1.04
CA ASP A 216 12.71 -17.61 -0.21
C ASP A 216 12.43 -16.10 -0.07
N SER A 217 12.52 -15.50 1.13
CA SER A 217 12.11 -14.09 1.32
C SER A 217 13.09 -13.25 2.18
N TYR A 218 14.25 -13.77 2.58
CA TYR A 218 15.14 -13.08 3.56
C TYR A 218 15.61 -11.72 2.99
N LYS A 219 15.82 -11.63 1.67
CA LYS A 219 16.28 -10.35 1.05
C LYS A 219 15.21 -9.30 1.24
N ASP A 220 13.94 -9.68 1.13
CA ASP A 220 12.82 -8.75 1.36
C ASP A 220 12.77 -8.36 2.83
N SER A 221 12.82 -9.33 3.74
CA SER A 221 12.83 -9.03 5.21
C SER A 221 13.98 -8.05 5.55
N THR A 222 15.21 -8.33 5.11
CA THR A 222 16.43 -7.54 5.46
C THR A 222 16.28 -6.13 4.90
N LEU A 223 15.67 -6.00 3.71
CA LEU A 223 15.40 -4.67 3.13
C LEU A 223 14.44 -3.90 4.04
N ILE A 224 13.29 -4.48 4.42
CA ILE A 224 12.32 -3.73 5.27
C ILE A 224 13.01 -3.38 6.62
N MET A 225 13.80 -4.28 7.17
CA MET A 225 14.44 -3.99 8.47
C MET A 225 15.30 -2.71 8.35
N GLN A 226 16.05 -2.56 7.26
CA GLN A 226 16.88 -1.36 6.98
C GLN A 226 15.99 -0.12 6.84
N LEU A 227 14.81 -0.24 6.23
CA LEU A 227 13.92 0.93 6.02
C LEU A 227 13.33 1.34 7.36
N LEU A 228 13.05 0.41 8.26
CA LEU A 228 12.61 0.79 9.63
C LEU A 228 13.76 1.56 10.32
N ARG A 229 15.00 1.10 10.15
CA ARG A 229 16.22 1.72 10.76
C ARG A 229 16.38 3.13 10.19
N ASP A 230 16.22 3.30 8.86
CA ASP A 230 16.36 4.60 8.17
C ASP A 230 15.29 5.55 8.72
N ASN A 231 14.04 5.11 8.87
CA ASN A 231 12.99 6.01 9.42
C ASN A 231 13.33 6.41 10.87
N LEU A 232 13.86 5.48 11.67
CA LEU A 232 14.24 5.77 13.08
C LEU A 232 15.32 6.85 13.10
N THR A 233 16.34 6.71 12.25
CA THR A 233 17.41 7.73 12.05
C THR A 233 16.77 9.07 11.68
N LEU A 234 15.82 9.08 10.75
CA LEU A 234 15.13 10.30 10.27
C LEU A 234 14.35 10.90 11.43
N TRP A 235 13.49 10.12 12.08
CA TRP A 235 12.70 10.58 13.25
C TRP A 235 13.62 10.76 14.46
N THR A 236 14.92 10.41 14.31
CA THR A 236 15.99 10.38 15.34
C THR A 236 15.44 9.73 16.62
N ILE B 2 13.02 14.27 3.51
CA ILE B 2 11.88 14.87 4.28
C ILE B 2 10.87 13.76 4.60
N ARG B 3 10.24 13.15 3.60
CA ARG B 3 9.08 12.22 3.78
C ARG B 3 9.55 10.85 4.32
N SER B 4 8.84 10.28 5.30
CA SER B 4 9.10 8.90 5.78
C SER B 4 9.07 7.93 4.59
N THR B 5 9.90 6.89 4.59
CA THR B 5 9.92 5.84 3.53
C THR B 5 8.91 4.75 3.88
N SEP B 6 8.08 4.35 2.93
CA SEP B 6 7.14 3.21 3.11
CB SEP B 6 5.73 3.60 2.70
OG SEP B 6 5.67 3.80 1.28
C SEP B 6 7.65 1.98 2.39
O SEP B 6 8.74 2.02 1.78
P SEP B 6 4.30 4.38 0.67
O1P SEP B 6 3.22 3.32 0.86
O2P SEP B 6 3.98 5.68 1.36
O3P SEP B 6 4.65 4.55 -0.80
N THR B 7 6.90 0.88 2.49
CA THR B 7 7.31 -0.38 1.83
C THR B 7 7.44 -0.09 0.34
N PRO B 8 8.56 -0.51 -0.27
CA PRO B 8 8.79 -0.19 -1.66
C PRO B 8 8.05 -1.18 -2.55
N ASN B 9 7.94 -0.78 -3.80
CA ASN B 9 7.29 -1.54 -4.86
C ASN B 9 8.25 -2.59 -5.41
N VAL B 10 8.79 -3.43 -4.55
CA VAL B 10 9.87 -4.39 -4.97
C VAL B 10 9.18 -5.71 -5.29
N HIS B 11 9.39 -6.18 -6.51
CA HIS B 11 8.89 -7.48 -7.03
C HIS B 11 9.37 -8.60 -6.09
N MET B 12 8.43 -9.41 -5.58
CA MET B 12 8.72 -10.59 -4.73
C MET B 12 8.34 -11.89 -5.47
CL CL C . -7.60 20.90 -15.48
MG MG D . -10.85 18.00 -3.47
MG MG E . -10.75 -19.67 -17.62
MG MG F . 10.73 10.46 20.63
C4 WQT G . 3.65 -10.01 -1.15
C14 WQT G . 3.94 -8.22 -2.71
C5 WQT G . 4.21 -11.45 -0.93
C6 WQT G . 4.36 -8.97 -0.27
C11 WQT G . 8.00 -6.71 1.49
C7 WQT G . 5.76 -6.32 0.69
C8 WQT G . 6.23 -5.63 -0.41
C9 WQT G . 7.59 -5.47 -0.54
C10 WQT G . 8.46 -5.99 0.39
C12 WQT G . 6.63 -6.86 1.64
C13 WQT G . 3.41 -7.23 -1.70
N1 WQT G . 2.83 -11.78 -0.61
N2 WQT G . 3.65 -7.70 -0.31
C3 WQT G . 2.23 -10.45 -0.74
C1 WQT G . 2.22 -12.98 -0.25
C2 WQT G . 3.09 -14.21 -0.14
I1 WQT G . 10.52 -5.67 0.09
O1 WQT G . 1.01 -13.03 -0.01
O2 WQT G . 3.76 -7.25 2.08
O3 WQT G . 3.32 -5.40 0.52
O4 WQT G . 3.63 -9.60 -2.51
S1 WQT G . 4.02 -6.58 0.82
#